data_3CPA
#
_entry.id   3CPA
#
_cell.length_a   51.600
_cell.length_b   60.270
_cell.length_c   47.250
_cell.angle_alpha   90.00
_cell.angle_beta   97.27
_cell.angle_gamma   90.00
#
_symmetry.space_group_name_H-M   'P 1 21 1'
#
loop_
_entity.id
_entity.type
_entity.pdbx_description
1 polymer 'CARBOXYPEPTIDASE A'
2 non-polymer GLYCINE
3 non-polymer TYROSINE
4 non-polymer 'ZINC ION'
#
_entity_poly.entity_id   1
_entity_poly.type   'polypeptide(L)'
_entity_poly.pdbx_seq_one_letter_code
;ARSTNTFNYATYHTLDEIYDFMDLLVAQHPELVSKLQIGRSYEGRPIYVLKFSTGGSNRPAIWIDLGIHSREWITQATGV
WFAKKFTENYGQNPSFTAILDSMDIFLEIVTNPNGFAFTHSENRLWRKTRSVTSSSLCVGVDANRNWDAGFGKAGASSSP
CSETYHGKYANSEVEVKSIVDFVKNHGNFKAFLSIHSYSQLLLYPYGYTTQSIPDKTELNQVAKSAVAALKSLYGTSYKY
GSIITTIYQASGGSIDWSYNQGIKYSFTFELRDTGRYGFLLPASQIIPTAQETWLGVLTIMEHTVNN
;
_entity_poly.pdbx_strand_id   A
#
# COMPACT_ATOMS: atom_id res chain seq x y z
N ALA A 1 -18.85 -13.58 -4.11
CA ALA A 1 -20.05 -12.90 -4.65
C ALA A 1 -21.05 -12.74 -3.52
N ARG A 2 -21.54 -13.88 -2.95
CA ARG A 2 -22.60 -13.75 -1.92
C ARG A 2 -21.98 -13.72 -0.52
N SER A 3 -20.75 -14.22 -0.40
CA SER A 3 -20.03 -13.99 0.92
C SER A 3 -18.56 -13.88 0.67
N THR A 4 -17.85 -13.48 1.74
CA THR A 4 -16.35 -13.48 1.59
C THR A 4 -15.81 -14.86 1.42
N ASN A 5 -16.59 -15.89 1.81
CA ASN A 5 -16.09 -17.28 1.75
C ASN A 5 -16.33 -17.86 0.37
N THR A 6 -17.16 -17.15 -0.34
CA THR A 6 -17.56 -17.44 -1.70
C THR A 6 -16.79 -16.68 -2.75
N PHE A 7 -16.29 -15.52 -2.35
CA PHE A 7 -15.49 -14.64 -3.22
C PHE A 7 -14.24 -15.39 -3.74
N ASN A 8 -13.95 -15.24 -5.01
CA ASN A 8 -12.77 -15.94 -5.62
C ASN A 8 -11.51 -15.08 -5.50
N TYR A 9 -10.64 -15.47 -4.62
CA TYR A 9 -9.42 -14.72 -4.32
C TYR A 9 -8.34 -15.12 -5.32
N ALA A 10 -8.64 -16.12 -6.15
CA ALA A 10 -7.69 -16.62 -7.13
C ALA A 10 -7.92 -15.97 -8.54
N THR A 11 -8.63 -14.89 -8.55
CA THR A 11 -8.79 -14.13 -9.86
C THR A 11 -8.74 -12.62 -9.54
N TYR A 12 -8.50 -11.84 -10.59
CA TYR A 12 -8.47 -10.37 -10.48
C TYR A 12 -9.93 -9.89 -10.71
N HIS A 13 -10.19 -8.81 -10.02
CA HIS A 13 -11.56 -8.28 -9.87
C HIS A 13 -11.65 -6.88 -10.37
N THR A 14 -12.84 -6.38 -10.65
CA THR A 14 -13.05 -4.96 -10.99
C THR A 14 -13.29 -4.14 -9.73
N LEU A 15 -13.42 -2.86 -9.90
CA LEU A 15 -13.66 -1.95 -8.79
C LEU A 15 -14.91 -2.29 -7.99
N ASP A 16 -15.99 -2.58 -8.73
CA ASP A 16 -17.32 -2.85 -8.17
C ASP A 16 -17.33 -4.11 -7.27
N GLU A 17 -16.56 -5.09 -7.75
CA GLU A 17 -16.47 -6.32 -6.93
C GLU A 17 -15.67 -6.07 -5.67
N ILE A 18 -14.59 -5.31 -5.82
CA ILE A 18 -13.80 -5.04 -4.63
C ILE A 18 -14.55 -4.24 -3.57
N TYR A 19 -15.30 -3.26 -4.07
CA TYR A 19 -16.15 -2.42 -3.16
C TYR A 19 -17.22 -3.27 -2.53
N ASP A 20 -17.84 -4.14 -3.31
CA ASP A 20 -18.95 -5.00 -2.80
C ASP A 20 -18.35 -5.92 -1.75
N PHE A 21 -17.14 -6.43 -2.07
CA PHE A 21 -16.36 -7.26 -1.11
C PHE A 21 -16.25 -6.53 0.25
N MET A 22 -15.96 -5.25 0.21
CA MET A 22 -15.70 -4.48 1.44
C MET A 22 -17.01 -4.54 2.27
N ASP A 23 -18.07 -4.34 1.59
CA ASP A 23 -19.42 -4.52 2.21
C ASP A 23 -19.59 -5.89 2.74
N LEU A 24 -19.29 -6.95 2.06
CA LEU A 24 -19.56 -8.31 2.57
C LEU A 24 -18.83 -8.42 3.95
N LEU A 25 -17.57 -7.99 3.93
CA LEU A 25 -16.65 -8.19 5.06
C LEU A 25 -17.18 -7.46 6.30
N VAL A 26 -17.65 -6.26 6.09
CA VAL A 26 -18.15 -5.46 7.20
C VAL A 26 -19.39 -6.11 7.77
N ALA A 27 -20.23 -6.57 6.89
CA ALA A 27 -21.49 -7.22 7.30
C ALA A 27 -21.22 -8.47 8.09
N GLN A 28 -20.24 -9.26 7.74
CA GLN A 28 -19.77 -10.51 8.28
C GLN A 28 -19.03 -10.34 9.59
N HIS A 29 -18.42 -9.20 9.83
CA HIS A 29 -17.59 -9.00 11.01
C HIS A 29 -17.66 -7.60 11.62
N PRO A 30 -18.89 -7.24 11.94
CA PRO A 30 -19.23 -5.83 12.24
C PRO A 30 -18.44 -5.31 13.41
N GLU A 31 -18.08 -6.27 14.27
CA GLU A 31 -17.36 -5.95 15.51
C GLU A 31 -15.89 -5.74 15.27
N LEU A 32 -15.36 -6.07 14.12
CA LEU A 32 -13.93 -6.07 13.84
C LEU A 32 -13.56 -5.08 12.70
N VAL A 33 -14.47 -4.96 11.79
CA VAL A 33 -14.16 -4.23 10.54
C VAL A 33 -15.17 -3.12 10.32
N SER A 34 -14.63 -1.96 10.06
CA SER A 34 -15.33 -0.67 9.73
C SER A 34 -14.83 -0.21 8.35
N LYS A 35 -15.77 0.25 7.58
CA LYS A 35 -15.39 0.92 6.30
C LYS A 35 -15.47 2.44 6.42
N LEU A 36 -14.34 3.10 6.18
CA LEU A 36 -14.22 4.55 6.27
C LEU A 36 -14.02 5.13 4.84
N GLN A 37 -14.67 6.27 4.66
CA GLN A 37 -14.52 7.04 3.42
C GLN A 37 -13.68 8.27 3.74
N ILE A 38 -12.43 8.28 3.29
CA ILE A 38 -11.52 9.35 3.70
C ILE A 38 -11.48 10.47 2.64
N GLY A 39 -12.22 10.26 1.54
CA GLY A 39 -12.21 11.20 0.41
C GLY A 39 -13.02 10.64 -0.76
N ARG A 40 -12.90 11.50 -1.80
CA ARG A 40 -13.43 11.11 -3.13
C ARG A 40 -12.32 11.33 -4.11
N SER A 41 -12.26 10.41 -5.11
CA SER A 41 -11.24 10.54 -6.16
C SER A 41 -11.56 11.69 -7.11
N TYR A 42 -10.58 11.89 -8.02
CA TYR A 42 -10.69 13.03 -8.97
C TYR A 42 -12.04 12.87 -9.69
N GLU A 43 -12.37 11.65 -10.02
CA GLU A 43 -13.58 11.39 -10.86
C GLU A 43 -14.79 11.07 -9.97
N GLY A 44 -14.66 11.24 -8.70
CA GLY A 44 -15.73 11.31 -7.72
C GLY A 44 -15.94 10.01 -6.97
N ARG A 45 -15.06 9.04 -7.19
CA ARG A 45 -15.23 7.69 -6.62
C ARG A 45 -14.90 7.80 -5.12
N PRO A 46 -15.70 7.11 -4.28
CA PRO A 46 -15.39 6.99 -2.85
C PRO A 46 -14.01 6.40 -2.71
N ILE A 47 -13.31 6.96 -1.71
CA ILE A 47 -12.02 6.39 -1.32
C ILE A 47 -12.18 5.75 0.10
N TYR A 48 -11.98 4.44 0.00
CA TYR A 48 -12.30 3.61 1.18
C TYR A 48 -11.07 3.10 1.90
N VAL A 49 -11.20 3.15 3.22
CA VAL A 49 -10.27 2.48 4.19
C VAL A 49 -11.08 1.51 5.10
N LEU A 50 -10.54 0.29 5.20
CA LEU A 50 -11.00 -0.69 6.21
C LEU A 50 -10.14 -0.58 7.45
N LYS A 51 -10.88 -0.38 8.52
CA LYS A 51 -10.34 -0.27 9.86
C LYS A 51 -10.60 -1.61 10.59
N PHE A 52 -9.51 -2.25 10.98
CA PHE A 52 -9.59 -3.45 11.79
C PHE A 52 -9.29 -3.00 13.21
N SER A 53 -10.22 -3.21 14.13
CA SER A 53 -9.93 -2.84 15.58
C SER A 53 -10.79 -3.71 16.54
N THR A 54 -10.21 -3.96 17.67
CA THR A 54 -10.82 -4.75 18.77
C THR A 54 -11.31 -3.83 19.90
N GLY A 55 -11.19 -2.54 19.69
CA GLY A 55 -11.70 -1.50 20.57
C GLY A 55 -10.67 -0.40 20.80
N GLY A 56 -10.84 0.22 21.97
CA GLY A 56 -9.89 1.17 22.42
C GLY A 56 -10.17 2.53 21.78
N SER A 57 -9.53 3.42 22.42
CA SER A 57 -9.30 4.81 22.35
C SER A 57 -8.86 5.23 20.97
N ASN A 58 -7.68 5.77 20.83
CA ASN A 58 -7.11 5.99 19.43
C ASN A 58 -5.82 5.18 19.51
N ARG A 59 -6.01 3.90 19.31
CA ARG A 59 -4.94 2.92 19.53
C ARG A 59 -3.87 3.27 18.51
N PRO A 60 -2.61 3.02 18.87
CA PRO A 60 -1.54 2.97 17.84
C PRO A 60 -1.97 2.10 16.64
N ALA A 61 -1.71 2.63 15.47
CA ALA A 61 -2.20 1.93 14.24
C ALA A 61 -1.06 1.68 13.23
N ILE A 62 -1.39 0.71 12.39
CA ILE A 62 -0.62 0.30 11.23
C ILE A 62 -1.37 0.88 9.99
N TRP A 63 -0.66 1.63 9.14
CA TRP A 63 -1.25 1.98 7.80
C TRP A 63 -0.74 0.97 6.76
N ILE A 64 -1.65 0.54 5.87
CA ILE A 64 -1.28 -0.21 4.70
C ILE A 64 -2.10 0.36 3.47
N ASP A 65 -1.28 0.80 2.49
CA ASP A 65 -1.94 1.12 1.18
C ASP A 65 -1.45 0.19 0.07
N LEU A 66 -2.37 -0.12 -0.82
CA LEU A 66 -2.07 -0.91 -2.01
C LEU A 66 -2.65 -0.21 -3.22
N GLY A 67 -2.19 -0.51 -4.42
CA GLY A 67 -2.73 -0.05 -5.71
C GLY A 67 -2.62 1.44 -6.04
N ILE A 68 -1.72 2.17 -5.34
CA ILE A 68 -1.54 3.63 -5.72
C ILE A 68 -1.14 3.77 -7.18
N HIS A 69 -0.38 2.74 -7.61
CA HIS A 69 -0.13 2.61 -9.10
C HIS A 69 -1.08 1.54 -9.65
N SER A 70 -1.98 2.05 -10.50
CA SER A 70 -3.19 1.27 -10.82
C SER A 70 -2.93 -0.03 -11.55
N ARG A 71 -1.86 -0.15 -12.37
CA ARG A 71 -1.62 -1.35 -13.18
C ARG A 71 -1.02 -2.55 -12.42
N GLU A 72 -0.54 -2.22 -11.22
CA GLU A 72 0.01 -3.26 -10.30
C GLU A 72 -1.10 -4.05 -9.62
N TRP A 73 -1.77 -4.81 -10.48
CA TRP A 73 -3.00 -5.59 -10.05
C TRP A 73 -2.79 -6.50 -8.88
N ILE A 74 -1.59 -7.08 -8.86
CA ILE A 74 -1.27 -7.99 -7.73
C ILE A 74 -1.48 -7.34 -6.38
N THR A 75 -1.22 -6.05 -6.28
CA THR A 75 -1.40 -5.30 -4.99
C THR A 75 -2.89 -5.21 -4.53
N GLN A 76 -3.77 -4.85 -5.42
CA GLN A 76 -5.21 -4.77 -5.03
C GLN A 76 -5.78 -6.13 -4.65
N ALA A 77 -5.34 -7.16 -5.35
CA ALA A 77 -5.64 -8.58 -5.12
C ALA A 77 -5.15 -9.09 -3.74
N THR A 78 -3.84 -8.81 -3.47
CA THR A 78 -3.29 -9.10 -2.13
C THR A 78 -4.09 -8.41 -1.03
N GLY A 79 -4.39 -7.14 -1.30
CA GLY A 79 -5.19 -6.29 -0.41
C GLY A 79 -6.52 -6.93 -0.02
N VAL A 80 -7.30 -7.40 -0.94
CA VAL A 80 -8.53 -8.20 -0.56
C VAL A 80 -8.23 -9.40 0.27
N TRP A 81 -7.20 -10.16 -0.11
CA TRP A 81 -6.77 -11.37 0.58
C TRP A 81 -6.43 -10.99 2.05
N PHE A 82 -5.64 -9.91 2.20
CA PHE A 82 -5.24 -9.49 3.57
C PHE A 82 -6.47 -9.25 4.44
N ALA A 83 -7.44 -8.57 3.91
CA ALA A 83 -8.66 -8.16 4.62
C ALA A 83 -9.41 -9.39 5.18
N LYS A 84 -9.48 -10.39 4.35
CA LYS A 84 -10.10 -11.69 4.72
C LYS A 84 -9.28 -12.30 5.82
N LYS A 85 -7.93 -12.24 5.60
CA LYS A 85 -6.99 -12.98 6.42
C LYS A 85 -7.06 -12.45 7.87
N PHE A 86 -7.15 -11.12 8.01
CA PHE A 86 -7.28 -10.46 9.30
C PHE A 86 -8.45 -11.00 10.11
N THR A 87 -9.53 -11.06 9.34
CA THR A 87 -10.77 -11.65 9.97
C THR A 87 -10.64 -13.11 10.29
N GLU A 88 -9.85 -13.86 9.53
CA GLU A 88 -9.66 -15.30 9.76
C GLU A 88 -8.71 -15.61 10.92
N ASN A 89 -7.71 -14.78 11.03
CA ASN A 89 -6.52 -15.04 11.87
C ASN A 89 -6.77 -14.53 13.27
N TYR A 90 -7.76 -13.66 13.37
CA TYR A 90 -8.07 -13.09 14.72
C TYR A 90 -8.71 -14.17 15.60
N GLY A 91 -8.07 -14.42 16.74
CA GLY A 91 -8.31 -15.52 17.63
C GLY A 91 -7.77 -16.87 17.25
N GLN A 92 -7.21 -17.01 16.08
CA GLN A 92 -6.60 -18.28 15.66
C GLN A 92 -5.10 -18.19 15.85
N ASN A 93 -4.46 -17.13 15.46
CA ASN A 93 -2.97 -17.05 15.38
C ASN A 93 -2.55 -16.16 16.52
N PRO A 94 -1.79 -16.68 17.49
CA PRO A 94 -1.61 -16.03 18.79
C PRO A 94 -0.98 -14.64 18.61
N SER A 95 -0.10 -14.64 17.65
CA SER A 95 0.67 -13.50 17.23
C SER A 95 -0.16 -12.38 16.59
N PHE A 96 -0.93 -12.69 15.54
CA PHE A 96 -1.85 -11.72 14.99
C PHE A 96 -2.85 -11.20 16.06
N THR A 97 -3.37 -12.12 16.83
CA THR A 97 -4.34 -11.77 17.89
C THR A 97 -3.70 -10.81 18.87
N ALA A 98 -2.42 -10.97 19.15
CA ALA A 98 -1.84 -10.00 20.12
C ALA A 98 -1.69 -8.57 19.49
N ILE A 99 -1.47 -8.54 18.17
CA ILE A 99 -1.38 -7.34 17.41
C ILE A 99 -2.68 -6.52 17.47
N LEU A 100 -3.81 -7.17 17.14
CA LEU A 100 -5.08 -6.47 17.08
C LEU A 100 -5.69 -6.15 18.42
N ASP A 101 -5.27 -7.01 19.43
CA ASP A 101 -5.70 -6.66 20.82
C ASP A 101 -5.11 -5.37 21.33
N SER A 102 -4.09 -4.85 20.62
CA SER A 102 -3.38 -3.66 21.12
C SER A 102 -3.34 -2.53 20.07
N MET A 103 -3.44 -2.85 18.81
CA MET A 103 -3.25 -1.88 17.70
C MET A 103 -4.38 -2.05 16.69
N ASP A 104 -4.65 -1.03 15.96
CA ASP A 104 -5.61 -1.00 14.81
C ASP A 104 -4.82 -1.10 13.51
N ILE A 105 -5.52 -1.62 12.51
CA ILE A 105 -4.99 -1.72 11.16
C ILE A 105 -5.98 -0.95 10.25
N PHE A 106 -5.36 -0.05 9.50
CA PHE A 106 -6.09 0.69 8.45
C PHE A 106 -5.57 0.15 7.09
N LEU A 107 -6.46 -0.33 6.24
CA LEU A 107 -6.00 -0.98 4.98
C LEU A 107 -6.72 -0.24 3.85
N GLU A 108 -5.92 0.32 2.95
CA GLU A 108 -6.46 0.95 1.75
C GLU A 108 -6.18 0.11 0.49
N ILE A 109 -7.22 -0.60 0.04
CA ILE A 109 -7.09 -1.62 -1.01
C ILE A 109 -6.90 -1.00 -2.42
N VAL A 110 -7.66 0.04 -2.67
CA VAL A 110 -7.50 0.69 -4.03
C VAL A 110 -7.25 2.20 -3.68
N THR A 111 -5.99 2.52 -3.61
CA THR A 111 -5.58 3.89 -3.27
C THR A 111 -5.97 4.80 -4.41
N ASN A 112 -5.91 4.26 -5.63
CA ASN A 112 -6.08 5.03 -6.85
C ASN A 112 -7.18 4.34 -7.65
N PRO A 113 -8.42 4.68 -7.25
CA PRO A 113 -9.60 4.05 -7.87
C PRO A 113 -9.78 4.46 -9.32
N ASN A 114 -9.50 5.69 -9.71
CA ASN A 114 -9.77 6.23 -11.09
C ASN A 114 -8.82 5.49 -12.05
N GLY A 115 -7.55 5.44 -11.61
CA GLY A 115 -6.56 4.75 -12.36
C GLY A 115 -7.00 3.28 -12.47
N PHE A 116 -7.44 2.70 -11.40
CA PHE A 116 -7.85 1.26 -11.41
C PHE A 116 -8.91 1.01 -12.46
N ALA A 117 -9.98 1.85 -12.42
CA ALA A 117 -11.10 1.67 -13.35
C ALA A 117 -10.63 1.76 -14.83
N PHE A 118 -9.68 2.62 -15.03
CA PHE A 118 -9.11 2.93 -16.31
C PHE A 118 -8.29 1.75 -16.83
N THR A 119 -7.57 1.05 -15.97
CA THR A 119 -6.92 -0.21 -16.24
C THR A 119 -7.91 -1.27 -16.69
N HIS A 120 -9.14 -1.26 -16.24
CA HIS A 120 -10.14 -2.20 -16.68
C HIS A 120 -10.81 -1.80 -18.00
N SER A 121 -10.95 -0.49 -18.14
CA SER A 121 -11.84 0.08 -19.17
C SER A 121 -11.05 0.24 -20.45
N GLU A 122 -9.86 0.81 -20.30
CA GLU A 122 -9.14 1.29 -21.50
C GLU A 122 -7.67 0.86 -21.62
N ASN A 123 -6.91 1.06 -20.55
CA ASN A 123 -5.44 0.82 -20.71
C ASN A 123 -4.97 0.07 -19.45
N ARG A 124 -4.66 -1.17 -19.73
CA ARG A 124 -4.32 -2.12 -18.64
C ARG A 124 -3.05 -1.63 -17.94
N LEU A 125 -2.24 -0.93 -18.73
CA LEU A 125 -0.93 -0.53 -18.16
C LEU A 125 -0.88 0.90 -17.63
N TRP A 126 -2.04 1.50 -17.42
CA TRP A 126 -2.10 2.84 -16.81
C TRP A 126 -1.64 2.76 -15.35
N ARG A 127 -0.74 3.70 -14.94
CA ARG A 127 -0.36 3.66 -13.52
C ARG A 127 -0.65 4.92 -12.71
N LYS A 128 -0.89 6.02 -13.44
CA LYS A 128 -1.02 7.37 -12.81
C LYS A 128 -2.48 7.55 -12.34
N THR A 129 -2.72 8.73 -11.76
CA THR A 129 -4.12 9.12 -11.47
C THR A 129 -4.75 9.58 -12.78
N ARG A 130 -5.92 10.17 -12.63
CA ARG A 130 -6.61 10.69 -13.85
C ARG A 130 -7.02 12.14 -13.75
N SER A 131 -6.32 12.91 -12.94
CA SER A 131 -6.48 14.32 -12.85
C SER A 131 -6.13 14.94 -14.24
N VAL A 132 -6.93 15.93 -14.60
CA VAL A 132 -6.68 16.65 -15.86
C VAL A 132 -6.27 18.06 -15.46
N THR A 133 -6.22 18.87 -16.51
CA THR A 133 -6.06 20.33 -16.40
C THR A 133 -4.57 20.68 -16.59
N SER A 134 -4.47 21.83 -17.22
CA SER A 134 -3.31 22.71 -17.34
C SER A 134 -3.15 23.03 -18.83
N SER A 135 -1.90 23.08 -19.20
CA SER A 135 -1.29 23.40 -20.47
C SER A 135 -0.83 22.06 -21.06
N SER A 136 -1.71 21.06 -20.84
CA SER A 136 -1.43 19.71 -21.27
C SER A 136 -2.70 18.98 -21.66
N LEU A 137 -2.54 18.03 -22.51
CA LEU A 137 -3.40 17.05 -23.07
C LEU A 137 -3.20 15.71 -22.32
N CYS A 138 -2.16 15.71 -21.49
CA CYS A 138 -1.75 14.52 -20.77
C CYS A 138 -2.56 14.49 -19.46
N VAL A 139 -3.02 13.28 -19.12
CA VAL A 139 -3.74 13.14 -17.84
C VAL A 139 -2.91 12.40 -16.80
N GLY A 140 -3.07 12.93 -15.54
CA GLY A 140 -2.67 12.11 -14.41
C GLY A 140 -1.26 12.38 -13.92
N VAL A 141 -1.15 12.06 -12.64
CA VAL A 141 0.03 12.23 -11.79
C VAL A 141 0.47 10.83 -11.34
N ASP A 142 1.85 10.71 -11.21
CA ASP A 142 2.37 9.58 -10.45
C ASP A 142 2.11 9.90 -8.92
N ALA A 143 1.17 9.12 -8.33
CA ALA A 143 0.76 9.54 -6.97
C ALA A 143 1.86 9.24 -5.97
N ASN A 144 2.80 8.35 -6.42
CA ASN A 144 3.93 8.12 -5.51
C ASN A 144 5.15 9.06 -5.74
N ARG A 145 4.93 10.14 -6.41
CA ARG A 145 5.87 11.24 -6.47
C ARG A 145 5.26 12.57 -6.08
N ASN A 146 4.04 12.51 -5.53
CA ASN A 146 3.23 13.69 -5.21
C ASN A 146 3.33 14.13 -3.78
N TRP A 147 3.98 13.33 -2.97
CA TRP A 147 4.09 13.56 -1.51
C TRP A 147 5.12 14.65 -1.30
N ASP A 148 4.91 15.36 -0.16
CA ASP A 148 5.75 16.40 0.40
C ASP A 148 6.98 15.80 1.09
N ALA A 149 7.84 15.27 0.30
CA ALA A 149 9.05 14.49 0.71
C ALA A 149 10.06 14.63 -0.46
N GLY A 150 10.78 15.74 -0.38
CA GLY A 150 11.72 16.16 -1.43
C GLY A 150 10.96 16.35 -2.76
N PHE A 151 9.69 16.79 -2.60
CA PHE A 151 8.81 16.97 -3.72
C PHE A 151 9.60 17.81 -4.74
N GLY A 152 9.54 17.40 -5.96
CA GLY A 152 9.97 18.13 -7.16
C GLY A 152 11.51 18.03 -7.30
N LYS A 153 12.18 17.37 -6.36
CA LYS A 153 13.61 17.01 -6.52
C LYS A 153 13.80 15.96 -7.60
N ALA A 154 15.07 15.75 -7.93
CA ALA A 154 15.42 14.73 -8.95
C ALA A 154 14.89 13.39 -8.49
N GLY A 155 14.52 12.59 -9.47
CA GLY A 155 13.81 11.33 -9.14
C GLY A 155 12.31 11.46 -9.44
N ALA A 156 11.94 12.51 -10.16
CA ALA A 156 10.51 12.73 -10.54
C ALA A 156 10.50 13.70 -11.70
N SER A 157 9.43 13.70 -12.45
CA SER A 157 9.44 14.48 -13.72
C SER A 157 8.45 15.64 -13.61
N SER A 158 8.88 16.76 -14.23
CA SER A 158 8.00 17.98 -14.16
C SER A 158 7.22 18.01 -15.45
N SER A 159 7.30 16.94 -16.24
CA SER A 159 6.39 16.90 -17.46
C SER A 159 5.08 16.21 -17.18
N PRO A 160 3.99 16.91 -17.50
CA PRO A 160 2.66 16.31 -17.34
C PRO A 160 2.53 14.97 -18.03
N CYS A 161 3.08 14.89 -19.26
CA CYS A 161 3.06 13.67 -20.10
C CYS A 161 3.83 12.49 -19.66
N SER A 162 4.76 12.74 -18.74
CA SER A 162 5.57 11.69 -18.09
C SER A 162 4.80 10.72 -17.22
N GLU A 163 5.23 9.46 -17.29
CA GLU A 163 4.79 8.33 -16.48
C GLU A 163 5.16 8.53 -15.00
N THR A 164 6.13 9.36 -14.78
CA THR A 164 6.61 9.79 -13.45
C THR A 164 6.37 11.25 -13.17
N TYR A 165 5.33 11.82 -13.72
CA TYR A 165 4.93 13.21 -13.38
C TYR A 165 4.58 13.36 -11.90
N HIS A 166 5.16 14.38 -11.27
CA HIS A 166 4.99 14.57 -9.82
C HIS A 166 3.80 15.39 -9.46
N GLY A 167 3.21 16.07 -10.41
CA GLY A 167 2.05 16.90 -10.25
C GLY A 167 2.46 18.35 -10.06
N LYS A 168 1.39 19.20 -9.99
CA LYS A 168 1.65 20.65 -9.86
C LYS A 168 2.32 21.07 -8.60
N TYR A 169 1.97 20.51 -7.46
CA TYR A 169 2.53 20.86 -6.14
C TYR A 169 2.31 19.66 -5.21
N ALA A 170 3.02 19.64 -4.09
CA ALA A 170 3.01 18.46 -3.20
C ALA A 170 1.57 18.29 -2.70
N ASN A 171 1.04 17.13 -2.70
CA ASN A 171 -0.35 16.89 -2.35
C ASN A 171 -1.37 17.46 -3.25
N SER A 172 -1.03 17.76 -4.51
CA SER A 172 -2.05 18.17 -5.48
C SER A 172 -3.10 17.13 -5.65
N GLU A 173 -2.74 15.84 -5.56
CA GLU A 173 -3.68 14.78 -5.88
C GLU A 173 -4.49 14.41 -4.63
N VAL A 174 -5.79 14.38 -4.96
CA VAL A 174 -6.78 14.19 -3.88
C VAL A 174 -6.60 12.85 -3.21
N GLU A 175 -6.18 11.86 -4.01
CA GLU A 175 -5.93 10.51 -3.50
C GLU A 175 -4.78 10.51 -2.52
N VAL A 176 -3.87 11.45 -2.66
CA VAL A 176 -2.74 11.61 -1.75
C VAL A 176 -3.15 12.40 -0.49
N LYS A 177 -3.60 13.64 -0.78
CA LYS A 177 -4.02 14.55 0.31
C LYS A 177 -5.02 13.92 1.25
N SER A 178 -5.91 13.06 0.74
CA SER A 178 -6.86 12.30 1.59
C SER A 178 -6.16 11.44 2.64
N ILE A 179 -5.04 10.83 2.26
CA ILE A 179 -4.25 10.01 3.18
C ILE A 179 -3.54 10.92 4.21
N VAL A 180 -2.90 11.94 3.66
CA VAL A 180 -2.18 12.89 4.47
C VAL A 180 -3.00 13.42 5.67
N ASP A 181 -4.11 13.99 5.36
CA ASP A 181 -5.09 14.58 6.30
C ASP A 181 -5.44 13.48 7.29
N PHE A 182 -5.76 12.30 6.72
CA PHE A 182 -6.24 11.17 7.53
C PHE A 182 -5.23 10.81 8.64
N VAL A 183 -4.03 10.54 8.23
CA VAL A 183 -2.89 10.18 9.08
C VAL A 183 -2.49 11.32 9.98
N LYS A 184 -2.42 12.52 9.42
CA LYS A 184 -2.06 13.67 10.29
C LYS A 184 -3.13 13.86 11.38
N ASN A 185 -4.40 13.72 11.00
CA ASN A 185 -5.46 13.91 11.96
C ASN A 185 -5.32 12.82 13.06
N HIS A 186 -5.08 11.61 12.61
CA HIS A 186 -5.11 10.51 13.63
C HIS A 186 -4.00 10.72 14.64
N GLY A 187 -2.81 10.88 14.14
CA GLY A 187 -1.65 11.22 14.98
C GLY A 187 -1.05 10.10 15.76
N ASN A 188 -1.45 8.86 15.50
CA ASN A 188 -0.94 7.74 16.32
C ASN A 188 -0.58 6.58 15.44
N PHE A 189 -0.16 6.86 14.21
CA PHE A 189 0.35 5.80 13.31
C PHE A 189 1.75 5.41 13.76
N LYS A 190 1.99 4.10 13.90
CA LYS A 190 3.37 3.68 14.28
C LYS A 190 4.09 3.05 13.06
N ALA A 191 3.28 2.44 12.18
CA ALA A 191 3.91 1.83 10.98
C ALA A 191 3.06 2.28 9.74
N PHE A 192 3.77 2.22 8.63
CA PHE A 192 3.23 2.76 7.36
C PHE A 192 3.78 2.00 6.17
N LEU A 193 2.92 1.19 5.53
CA LEU A 193 3.40 0.22 4.52
C LEU A 193 2.70 0.53 3.21
N SER A 194 3.51 0.75 2.20
CA SER A 194 2.91 0.97 0.87
C SER A 194 3.26 -0.26 0.01
N ILE A 195 2.27 -0.74 -0.72
CA ILE A 195 2.43 -2.00 -1.41
C ILE A 195 2.35 -1.75 -2.93
N HIS A 196 3.39 -2.25 -3.56
CA HIS A 196 3.66 -2.04 -5.00
C HIS A 196 4.04 -3.33 -5.70
N SER A 197 4.13 -3.29 -7.01
CA SER A 197 4.81 -4.39 -7.75
C SER A 197 5.49 -3.80 -8.97
N TYR A 198 6.45 -4.48 -9.57
CA TYR A 198 7.04 -5.77 -9.22
C TYR A 198 8.54 -5.54 -8.99
N SER A 199 9.31 -6.47 -8.54
CA SER A 199 10.76 -6.66 -8.68
C SER A 199 11.25 -7.23 -7.35
N GLN A 200 10.33 -7.46 -6.36
CA GLN A 200 10.74 -8.30 -5.19
C GLN A 200 11.81 -7.51 -4.40
N LEU A 201 11.31 -6.37 -3.89
CA LEU A 201 12.12 -5.53 -2.98
C LEU A 201 11.34 -5.15 -1.71
N LEU A 202 12.09 -5.00 -0.65
CA LEU A 202 11.58 -4.37 0.59
C LEU A 202 12.47 -3.15 0.84
N LEU A 203 11.85 -2.02 0.93
CA LEU A 203 12.69 -0.77 0.93
C LEU A 203 12.28 0.03 2.14
N TYR A 204 13.19 0.77 2.71
CA TYR A 204 12.98 1.79 3.76
C TYR A 204 13.60 3.11 3.24
N PRO A 205 13.37 4.21 3.97
CA PRO A 205 13.70 5.54 3.50
C PRO A 205 15.19 5.77 3.46
N TYR A 206 15.70 6.68 2.65
CA TYR A 206 15.09 7.67 1.81
C TYR A 206 15.22 7.25 0.36
N GLY A 207 14.32 7.89 -0.41
CA GLY A 207 14.47 7.90 -1.91
C GLY A 207 15.08 9.19 -2.42
N TYR A 208 14.75 10.27 -1.75
CA TYR A 208 14.90 11.60 -2.33
C TYR A 208 16.28 12.14 -1.99
N THR A 209 16.88 11.55 -1.00
CA THR A 209 18.15 12.05 -0.37
C THR A 209 19.10 10.88 -0.12
N THR A 210 20.40 11.17 -0.21
CA THR A 210 21.47 10.22 0.13
C THR A 210 21.60 10.09 1.63
N GLN A 211 21.11 11.08 2.38
CA GLN A 211 21.10 10.99 3.87
C GLN A 211 20.50 9.67 4.36
N SER A 212 21.28 9.12 5.30
CA SER A 212 20.96 7.95 6.16
C SER A 212 19.96 8.29 7.22
N ILE A 213 18.84 7.57 7.22
CA ILE A 213 17.92 7.74 8.37
C ILE A 213 18.68 7.31 9.64
N PRO A 214 18.30 7.95 10.74
CA PRO A 214 18.85 7.59 12.06
C PRO A 214 18.52 6.15 12.49
N ASP A 215 17.48 5.55 11.98
CA ASP A 215 16.96 4.31 12.42
C ASP A 215 17.36 3.17 11.54
N LYS A 216 18.43 3.42 10.78
CA LYS A 216 18.75 2.47 9.70
C LYS A 216 19.18 1.09 10.19
N THR A 217 20.00 1.00 11.28
CA THR A 217 20.35 -0.34 11.86
C THR A 217 19.07 -1.14 12.10
N GLU A 218 18.09 -0.45 12.74
CA GLU A 218 16.89 -1.11 13.20
C GLU A 218 16.06 -1.47 11.97
N LEU A 219 15.86 -0.50 11.08
CA LEU A 219 15.03 -0.77 9.88
C LEU A 219 15.64 -1.83 8.98
N ASN A 220 16.93 -1.82 8.88
CA ASN A 220 17.64 -2.83 8.12
C ASN A 220 17.38 -4.24 8.67
N GLN A 221 17.45 -4.43 9.95
CA GLN A 221 17.40 -5.73 10.58
C GLN A 221 15.94 -6.22 10.48
N VAL A 222 15.04 -5.27 10.57
CA VAL A 222 13.62 -5.51 10.42
C VAL A 222 13.34 -6.05 9.00
N ALA A 223 13.96 -5.37 8.04
CA ALA A 223 13.81 -5.67 6.61
C ALA A 223 14.37 -7.06 6.32
N LYS A 224 15.50 -7.36 6.92
CA LYS A 224 16.13 -8.66 6.87
C LYS A 224 15.25 -9.80 7.36
N SER A 225 14.78 -9.65 8.59
CA SER A 225 13.79 -10.52 9.22
C SER A 225 12.56 -10.78 8.36
N ALA A 226 11.98 -9.74 7.78
CA ALA A 226 10.66 -9.84 7.10
C ALA A 226 10.89 -10.55 5.78
N VAL A 227 12.02 -10.21 5.17
CA VAL A 227 12.41 -10.93 3.88
C VAL A 227 12.66 -12.41 4.14
N ALA A 228 13.26 -12.73 5.30
CA ALA A 228 13.54 -14.14 5.62
C ALA A 228 12.22 -14.89 5.76
N ALA A 229 11.30 -14.29 6.52
CA ALA A 229 9.95 -14.75 6.78
C ALA A 229 9.20 -15.04 5.47
N LEU A 230 9.14 -14.03 4.66
CA LEU A 230 8.55 -14.10 3.30
C LEU A 230 9.09 -15.25 2.46
N LYS A 231 10.38 -15.42 2.44
CA LYS A 231 11.00 -16.45 1.54
C LYS A 231 10.70 -17.82 2.09
N SER A 232 10.13 -17.96 3.30
CA SER A 232 10.04 -19.28 3.95
C SER A 232 8.95 -20.14 3.33
N LEU A 233 8.03 -19.47 2.61
CA LEU A 233 6.90 -20.25 2.08
C LEU A 233 7.20 -20.94 0.76
N TYR A 234 7.73 -20.10 -0.11
CA TYR A 234 7.91 -20.60 -1.52
C TYR A 234 9.30 -20.33 -2.00
N GLY A 235 10.15 -19.75 -1.13
CA GLY A 235 11.53 -19.50 -1.63
C GLY A 235 11.70 -18.24 -2.42
N THR A 236 10.79 -17.27 -2.32
CA THR A 236 10.74 -16.07 -3.17
C THR A 236 11.74 -15.09 -2.53
N SER A 237 12.60 -14.65 -3.43
CA SER A 237 13.83 -13.97 -3.01
C SER A 237 13.65 -12.47 -3.24
N TYR A 238 13.67 -11.82 -2.09
CA TYR A 238 13.73 -10.33 -2.13
C TYR A 238 15.12 -9.81 -1.83
N LYS A 239 15.37 -8.61 -2.27
CA LYS A 239 16.48 -7.72 -1.83
C LYS A 239 15.88 -6.60 -0.94
N TYR A 240 16.73 -6.02 -0.14
CA TYR A 240 16.26 -4.97 0.78
C TYR A 240 17.31 -3.90 0.97
N GLY A 241 16.85 -2.75 1.32
CA GLY A 241 17.69 -1.57 1.49
C GLY A 241 16.90 -0.29 1.36
N SER A 242 17.66 0.79 1.53
CA SER A 242 17.02 2.17 1.30
C SER A 242 16.64 2.27 -0.17
N ILE A 243 15.64 3.07 -0.50
CA ILE A 243 15.25 3.25 -1.91
C ILE A 243 16.40 3.68 -2.82
N ILE A 244 17.04 4.76 -2.43
CA ILE A 244 18.05 5.46 -3.26
C ILE A 244 19.18 4.51 -3.50
N THR A 245 19.59 3.71 -2.53
CA THR A 245 20.74 2.73 -2.69
C THR A 245 20.33 1.56 -3.54
N THR A 246 19.05 1.12 -3.47
CA THR A 246 18.74 -0.18 -4.06
C THR A 246 18.30 0.10 -5.33
N ILE A 247 17.51 1.18 -5.45
CA ILE A 247 16.75 1.35 -6.73
C ILE A 247 17.38 2.56 -7.41
N TYR A 248 16.87 3.71 -7.06
CA TYR A 248 17.21 4.97 -7.74
C TYR A 248 16.63 6.10 -6.93
N GLN A 249 17.19 7.29 -7.17
CA GLN A 249 16.63 8.51 -6.62
C GLN A 249 15.18 8.60 -7.02
N ALA A 250 14.36 8.94 -6.00
CA ALA A 250 13.10 9.05 -6.35
C ALA A 250 12.59 10.04 -5.27
N SER A 251 11.93 11.05 -5.73
CA SER A 251 11.41 12.16 -4.89
C SER A 251 9.86 12.03 -4.84
N GLY A 252 9.37 12.48 -3.68
CA GLY A 252 7.88 12.59 -3.50
C GLY A 252 7.23 11.24 -3.13
N GLY A 253 7.95 10.36 -2.47
CA GLY A 253 7.38 9.08 -2.16
C GLY A 253 6.72 9.08 -0.76
N SER A 254 5.76 8.17 -0.70
CA SER A 254 4.97 7.72 0.40
C SER A 254 5.75 7.58 1.74
N ILE A 255 6.75 6.75 1.71
CA ILE A 255 7.59 6.30 2.83
C ILE A 255 8.48 7.38 3.38
N ASP A 256 8.97 8.25 2.50
CA ASP A 256 9.87 9.38 2.89
C ASP A 256 9.06 10.35 3.73
N TRP A 257 7.82 10.60 3.22
CA TRP A 257 6.87 11.44 3.90
C TRP A 257 6.55 10.91 5.33
N SER A 258 6.05 9.64 5.33
CA SER A 258 5.55 9.09 6.60
C SER A 258 6.68 9.02 7.60
N TYR A 259 7.87 8.68 7.09
CA TYR A 259 8.99 8.60 8.06
C TYR A 259 9.26 10.00 8.58
N ASN A 260 9.15 11.02 7.80
CA ASN A 260 9.40 12.40 8.18
C ASN A 260 8.31 12.94 9.13
N GLN A 261 7.18 12.22 9.15
CA GLN A 261 6.11 12.51 10.10
C GLN A 261 6.38 11.90 11.47
N GLY A 262 7.49 11.24 11.63
CA GLY A 262 7.86 10.43 12.78
C GLY A 262 7.32 9.05 12.77
N ILE A 263 6.80 8.56 11.67
CA ILE A 263 6.35 7.11 11.68
C ILE A 263 7.57 6.26 11.31
N LYS A 264 8.10 5.57 12.30
CA LYS A 264 9.46 4.96 12.08
C LYS A 264 9.38 3.79 11.13
N TYR A 265 8.28 2.98 11.27
CA TYR A 265 8.29 1.67 10.52
C TYR A 265 7.62 1.92 9.19
N SER A 266 8.38 2.54 8.26
CA SER A 266 7.91 3.04 7.01
C SER A 266 8.63 2.16 5.94
N PHE A 267 7.92 1.29 5.32
CA PHE A 267 8.46 0.25 4.42
C PHE A 267 7.60 0.30 3.14
N THR A 268 8.28 0.12 1.99
CA THR A 268 7.54 -0.18 0.75
C THR A 268 7.84 -1.57 0.26
N PHE A 269 6.84 -2.29 -0.18
CA PHE A 269 7.05 -3.59 -0.80
C PHE A 269 6.82 -3.43 -2.32
N GLU A 270 7.77 -4.13 -3.00
CA GLU A 270 7.54 -4.30 -4.47
C GLU A 270 7.41 -5.81 -4.64
N LEU A 271 6.16 -6.26 -4.98
CA LEU A 271 5.91 -7.72 -4.96
C LEU A 271 6.39 -8.40 -6.22
N ARG A 272 5.83 -9.58 -6.44
CA ARG A 272 6.24 -10.39 -7.62
C ARG A 272 5.89 -9.59 -8.88
N ASP A 273 6.65 -9.84 -9.94
CA ASP A 273 7.74 -10.81 -9.86
C ASP A 273 9.07 -10.13 -10.17
N THR A 274 9.97 -10.88 -10.78
CA THR A 274 11.16 -10.24 -11.30
C THR A 274 11.32 -9.71 -12.72
N GLY A 275 10.28 -9.72 -13.52
CA GLY A 275 10.19 -9.35 -14.96
C GLY A 275 9.60 -10.42 -15.88
N ARG A 276 9.52 -11.70 -15.49
CA ARG A 276 8.92 -12.69 -16.39
C ARG A 276 7.51 -12.34 -16.92
N TYR A 277 6.65 -11.97 -16.01
CA TYR A 277 5.29 -11.46 -16.32
C TYR A 277 5.10 -9.98 -15.96
N GLY A 278 5.82 -9.47 -15.01
CA GLY A 278 5.75 -7.99 -14.74
C GLY A 278 4.45 -7.68 -14.06
N PHE A 279 3.89 -6.63 -14.64
CA PHE A 279 2.57 -6.14 -14.12
C PHE A 279 1.46 -7.12 -14.37
N LEU A 280 1.65 -7.95 -15.40
CA LEU A 280 0.60 -8.90 -15.87
C LEU A 280 0.84 -10.26 -15.26
N LEU A 281 0.97 -10.25 -13.93
CA LEU A 281 1.22 -11.50 -13.17
C LEU A 281 -0.04 -12.40 -13.25
N PRO A 282 0.25 -13.67 -13.53
CA PRO A 282 -0.78 -14.70 -13.69
C PRO A 282 -1.66 -14.73 -12.46
N ALA A 283 -2.99 -14.92 -12.71
CA ALA A 283 -3.94 -15.05 -11.59
C ALA A 283 -3.59 -16.20 -10.69
N SER A 284 -2.82 -17.16 -11.18
CA SER A 284 -2.49 -18.36 -10.39
C SER A 284 -1.40 -18.07 -9.35
N GLN A 285 -0.86 -16.88 -9.45
CA GLN A 285 0.15 -16.44 -8.47
C GLN A 285 -0.37 -15.45 -7.45
N ILE A 286 -1.64 -15.11 -7.56
CA ILE A 286 -2.28 -14.27 -6.54
C ILE A 286 -2.08 -14.81 -5.09
N ILE A 287 -2.68 -15.99 -4.89
CA ILE A 287 -2.67 -16.58 -3.50
C ILE A 287 -1.26 -16.78 -3.01
N PRO A 288 -0.39 -17.46 -3.71
CA PRO A 288 1.01 -17.65 -3.24
C PRO A 288 1.68 -16.31 -2.93
N THR A 289 1.46 -15.32 -3.81
CA THR A 289 1.97 -13.91 -3.52
C THR A 289 1.42 -13.34 -2.18
N ALA A 290 0.10 -13.48 -2.11
CA ALA A 290 -0.60 -12.98 -0.90
C ALA A 290 -0.08 -13.68 0.33
N GLN A 291 -0.01 -14.98 0.33
CA GLN A 291 0.45 -15.77 1.49
C GLN A 291 1.83 -15.43 1.97
N GLU A 292 2.82 -15.35 1.12
CA GLU A 292 4.20 -15.06 1.62
C GLU A 292 4.32 -13.63 2.08
N THR A 293 3.79 -12.66 1.35
CA THR A 293 3.80 -11.24 1.60
C THR A 293 3.14 -10.96 2.99
N TRP A 294 2.14 -11.75 3.38
CA TRP A 294 1.56 -11.74 4.70
C TRP A 294 2.70 -11.99 5.74
N LEU A 295 3.57 -12.90 5.45
CA LEU A 295 4.53 -13.38 6.52
C LEU A 295 5.53 -12.25 6.73
N GLY A 296 5.77 -11.55 5.60
CA GLY A 296 6.67 -10.40 5.62
C GLY A 296 6.06 -9.23 6.40
N VAL A 297 4.75 -8.99 6.11
CA VAL A 297 4.01 -7.95 6.80
C VAL A 297 3.83 -8.20 8.32
N LEU A 298 3.44 -9.45 8.58
CA LEU A 298 3.26 -9.90 9.97
C LEU A 298 4.55 -9.57 10.75
N THR A 299 5.67 -9.89 10.09
CA THR A 299 6.97 -9.69 10.84
C THR A 299 7.18 -8.29 11.31
N ILE A 300 6.93 -7.32 10.43
CA ILE A 300 7.02 -5.92 10.75
C ILE A 300 6.02 -5.50 11.83
N MET A 301 4.81 -5.93 11.67
CA MET A 301 3.72 -5.62 12.60
C MET A 301 4.14 -6.09 14.02
N GLU A 302 4.70 -7.28 14.07
CA GLU A 302 5.16 -7.80 15.33
C GLU A 302 6.22 -6.93 15.91
N HIS A 303 7.17 -6.56 15.03
CA HIS A 303 8.27 -5.68 15.58
C HIS A 303 7.69 -4.45 16.19
N THR A 304 6.81 -3.83 15.41
CA THR A 304 6.09 -2.63 15.83
C THR A 304 5.42 -2.81 17.19
N VAL A 305 4.68 -3.91 17.39
CA VAL A 305 3.87 -4.05 18.65
C VAL A 305 4.88 -4.03 19.81
N ASN A 306 6.12 -4.38 19.48
CA ASN A 306 7.17 -4.79 20.40
C ASN A 306 8.06 -3.58 20.72
N ASN A 307 7.91 -2.52 19.92
CA ASN A 307 8.68 -1.30 20.21
C ASN A 307 7.95 -0.07 19.64
#